data_9GVB
#
_entry.id   9GVB
#
_cell.length_a   142.390
_cell.length_b   142.390
_cell.length_c   57.596
_cell.angle_alpha   90.00
_cell.angle_beta   90.00
_cell.angle_gamma   120.00
#
_symmetry.space_group_name_H-M   'P 64'
#
loop_
_entity.id
_entity.type
_entity.pdbx_description
1 polymer 'Cell-wall anchoring protein'
2 polymer 'Group 2 dockerin from R. flavefaciens FD-1'
3 non-polymer 'CALCIUM ION'
4 water water
#
loop_
_entity_poly.entity_id
_entity_poly.type
_entity_poly.pdbx_seq_one_letter_code
_entity_poly.pdbx_strand_id
1 'polypeptide(L)'
;MLTDRGMTYDLDPKDGSSAATKPVLEVTKKVFDTAADAAGQTVTVEFKVSGAEGKYATTGYHIYWDERLEVVATKTGAYA
KKGAALEDSSLAKAENNGNGVFVASGADDDFGADGVMWTVELKVPADAKAGDVYPIDVAYQWDPSKGDLFTDNKDSAQGK
LMQAYFFTQGIKSSSNPSTDEYLVKANATYADGYIAIKAGEPE
;
A
2 'polypeptide(L)' MGSSHHHHHHSSGLVPRGSHMASPLTDLFGDINGDGIIDGRDATVLLTYYAKTSTGYKGSLMKFMEEQNIIQ B,C
#
loop_
_chem_comp.id
_chem_comp.type
_chem_comp.name
_chem_comp.formula
CA non-polymer 'CALCIUM ION' 'Ca 2'
#
# COMPACT_ATOMS: atom_id res chain seq x y z
N LEU A 2 -7.98 -14.36 -12.35
CA LEU A 2 -6.84 -13.55 -11.83
C LEU A 2 -5.47 -13.87 -12.45
N THR A 3 -4.57 -12.87 -12.46
CA THR A 3 -3.20 -13.00 -12.98
C THR A 3 -2.21 -12.63 -11.90
N ASP A 4 -0.92 -12.94 -12.14
CA ASP A 4 0.22 -12.67 -11.25
C ASP A 4 0.84 -11.36 -11.70
N ARG A 5 0.35 -10.25 -11.15
CA ARG A 5 0.95 -8.96 -11.43
C ARG A 5 2.20 -8.78 -10.57
N GLY A 6 2.46 -9.68 -9.64
CA GLY A 6 3.57 -9.51 -8.72
C GLY A 6 4.91 -9.56 -9.44
N MET A 7 5.88 -8.76 -8.97
CA MET A 7 7.24 -8.77 -9.51
C MET A 7 8.24 -9.25 -8.46
N THR A 8 9.49 -9.45 -8.91
CA THR A 8 10.60 -9.82 -8.07
C THR A 8 11.19 -8.61 -7.34
N TYR A 9 11.47 -8.78 -6.05
CA TYR A 9 12.03 -7.72 -5.23
C TYR A 9 13.52 -7.62 -5.50
N ASP A 10 13.95 -6.59 -6.23
CA ASP A 10 15.31 -6.44 -6.72
C ASP A 10 16.06 -5.29 -6.01
N LEU A 11 15.42 -4.63 -5.04
CA LEU A 11 16.08 -3.59 -4.28
C LEU A 11 17.17 -4.16 -3.37
N ASP A 12 17.96 -3.29 -2.75
CA ASP A 12 19.09 -3.77 -1.98
C ASP A 12 19.12 -3.11 -0.60
N PRO A 13 19.02 -3.90 0.52
CA PRO A 13 19.01 -5.38 0.50
C PRO A 13 17.84 -6.16 -0.11
N LYS A 14 18.14 -7.32 -0.70
CA LYS A 14 17.10 -8.19 -1.25
C LYS A 14 16.72 -9.27 -0.24
N ASP A 15 17.52 -9.47 0.81
CA ASP A 15 17.30 -10.52 1.78
C ASP A 15 16.98 -9.90 3.13
N GLY A 16 15.81 -10.23 3.68
CA GLY A 16 15.30 -9.52 4.83
C GLY A 16 15.33 -10.35 6.11
N SER A 17 15.89 -11.58 6.08
CA SER A 17 15.84 -12.54 7.18
C SER A 17 16.43 -11.97 8.47
N SER A 18 17.51 -11.21 8.33
CA SER A 18 18.23 -10.63 9.45
C SER A 18 17.49 -9.42 10.03
N ALA A 19 16.35 -8.99 9.46
CA ALA A 19 15.74 -7.72 9.81
C ALA A 19 15.31 -7.68 11.27
N ALA A 20 15.48 -6.55 11.94
CA ALA A 20 14.99 -6.40 13.30
C ALA A 20 13.46 -6.49 13.38
N THR A 21 12.74 -5.92 12.38
CA THR A 21 11.29 -6.01 12.31
C THR A 21 10.90 -6.90 11.15
N LYS A 22 10.10 -7.93 11.41
CA LYS A 22 9.74 -8.91 10.39
C LYS A 22 8.23 -8.97 10.20
N PRO A 23 7.68 -8.05 9.40
CA PRO A 23 6.23 -7.88 9.27
C PRO A 23 5.60 -8.92 8.35
N VAL A 24 4.45 -9.41 8.78
CA VAL A 24 3.69 -10.40 8.04
C VAL A 24 2.31 -9.81 7.76
N LEU A 25 1.86 -9.90 6.51
CA LEU A 25 0.55 -9.43 6.14
C LEU A 25 -0.33 -10.62 5.88
N GLU A 26 -1.48 -10.68 6.57
CA GLU A 26 -2.42 -11.77 6.46
C GLU A 26 -3.70 -11.24 5.86
N VAL A 27 -4.23 -12.02 4.92
CA VAL A 27 -5.39 -11.63 4.17
C VAL A 27 -6.49 -12.63 4.46
N THR A 28 -7.72 -12.14 4.47
CA THR A 28 -8.87 -12.92 4.88
C THR A 28 -8.92 -14.19 4.05
N LYS A 29 -9.30 -15.29 4.68
CA LYS A 29 -9.61 -16.51 3.95
C LYS A 29 -11.00 -16.97 4.38
N LYS A 30 -11.97 -16.72 3.50
CA LYS A 30 -13.35 -17.03 3.79
C LYS A 30 -13.72 -18.28 3.01
N VAL A 31 -14.34 -19.23 3.71
CA VAL A 31 -14.87 -20.43 3.08
C VAL A 31 -16.38 -20.56 3.33
N PHE A 32 -17.13 -20.85 2.26
CA PHE A 32 -18.57 -21.09 2.36
C PHE A 32 -18.79 -22.59 2.12
N ASP A 33 -19.82 -23.16 2.77
CA ASP A 33 -20.09 -24.59 2.61
C ASP A 33 -20.91 -24.87 1.37
N THR A 34 -21.83 -23.95 1.04
CA THR A 34 -22.70 -24.04 -0.13
C THR A 34 -22.57 -22.76 -0.97
N ALA A 35 -22.62 -22.94 -2.29
CA ALA A 35 -22.91 -21.85 -3.22
C ALA A 35 -24.03 -20.97 -2.64
N ALA A 36 -25.08 -21.64 -2.12
CA ALA A 36 -26.24 -21.01 -1.47
C ALA A 36 -25.82 -19.87 -0.54
N ASP A 37 -25.02 -20.16 0.50
CA ASP A 37 -24.65 -19.16 1.50
C ASP A 37 -23.72 -18.09 0.94
N ALA A 38 -23.05 -18.43 -0.19
CA ALA A 38 -22.01 -17.59 -0.75
C ALA A 38 -22.61 -16.49 -1.63
N ALA A 39 -23.50 -16.87 -2.56
CA ALA A 39 -24.00 -15.97 -3.59
C ALA A 39 -24.45 -14.65 -2.96
N GLY A 40 -24.07 -13.54 -3.59
CA GLY A 40 -24.54 -12.22 -3.17
C GLY A 40 -23.96 -11.74 -1.84
N GLN A 41 -23.23 -12.60 -1.11
CA GLN A 41 -22.66 -12.19 0.17
C GLN A 41 -21.48 -11.25 -0.11
N THR A 42 -21.42 -10.17 0.68
CA THR A 42 -20.29 -9.26 0.73
C THR A 42 -19.35 -9.73 1.83
N VAL A 43 -18.10 -10.02 1.48
CA VAL A 43 -17.09 -10.43 2.44
C VAL A 43 -16.21 -9.23 2.79
N THR A 44 -16.08 -8.96 4.08
CA THR A 44 -15.08 -8.00 4.51
C THR A 44 -13.72 -8.70 4.46
N VAL A 45 -12.87 -8.21 3.55
CA VAL A 45 -11.52 -8.72 3.40
C VAL A 45 -10.57 -7.76 4.08
N GLU A 46 -9.77 -8.31 5.00
CA GLU A 46 -8.90 -7.52 5.84
C GLU A 46 -7.44 -7.77 5.51
N PHE A 47 -6.66 -6.69 5.45
CA PHE A 47 -5.24 -6.81 5.25
C PHE A 47 -4.60 -6.42 6.56
N LYS A 48 -4.20 -7.45 7.32
CA LYS A 48 -3.80 -7.28 8.71
C LYS A 48 -2.30 -7.49 8.83
N VAL A 49 -1.60 -6.59 9.53
CA VAL A 49 -0.14 -6.68 9.67
C VAL A 49 0.21 -7.08 11.12
N SER A 50 1.30 -7.85 11.23
CA SER A 50 1.74 -8.42 12.47
C SER A 50 3.24 -8.25 12.63
N GLY A 51 3.66 -7.83 13.83
CA GLY A 51 5.04 -7.85 14.25
C GLY A 51 5.76 -6.57 13.89
N ALA A 52 5.07 -5.43 13.93
CA ALA A 52 5.64 -4.17 13.50
C ALA A 52 5.03 -2.97 14.24
N GLU A 53 4.42 -3.19 15.43
CA GLU A 53 3.97 -2.04 16.22
C GLU A 53 5.09 -1.04 16.36
N GLY A 54 4.82 0.21 15.97
CA GLY A 54 5.75 1.29 16.24
C GLY A 54 7.01 1.16 15.40
N LYS A 55 6.95 0.48 14.26
CA LYS A 55 8.15 0.13 13.53
C LYS A 55 8.16 0.52 12.05
N TYR A 56 7.05 1.13 11.54
CA TYR A 56 6.92 1.57 10.16
C TYR A 56 6.10 2.87 10.06
N ALA A 57 6.27 3.55 8.92
CA ALA A 57 5.67 4.86 8.68
C ALA A 57 5.11 4.99 7.27
N THR A 58 5.93 4.60 6.29
CA THR A 58 5.68 4.78 4.88
C THR A 58 5.36 3.43 4.25
N THR A 59 4.28 3.34 3.51
CA THR A 59 3.79 2.06 3.03
C THR A 59 3.19 2.24 1.66
N GLY A 60 3.13 1.16 0.90
CA GLY A 60 2.46 1.22 -0.39
C GLY A 60 2.56 -0.11 -1.12
N TYR A 61 1.44 -0.75 -1.42
CA TYR A 61 1.52 -2.07 -2.02
C TYR A 61 0.26 -2.33 -2.83
N HIS A 62 0.33 -3.30 -3.73
CA HIS A 62 -0.74 -3.53 -4.68
C HIS A 62 -1.63 -4.65 -4.19
N ILE A 63 -2.93 -4.47 -4.35
CA ILE A 63 -3.87 -5.54 -4.05
C ILE A 63 -4.60 -5.82 -5.35
N TYR A 64 -4.99 -7.07 -5.55
CA TYR A 64 -5.76 -7.49 -6.70
C TYR A 64 -6.71 -8.60 -6.26
N TRP A 65 -7.71 -8.92 -7.09
CA TRP A 65 -8.61 -10.02 -6.77
C TRP A 65 -9.30 -10.56 -8.01
N ASP A 66 -9.94 -11.74 -7.86
CA ASP A 66 -10.48 -12.42 -9.02
C ASP A 66 -11.46 -11.46 -9.67
N GLU A 67 -11.48 -11.51 -11.01
CA GLU A 67 -12.20 -10.58 -11.86
C GLU A 67 -13.69 -10.71 -11.57
N ARG A 68 -14.08 -11.90 -11.12
CA ARG A 68 -15.48 -12.27 -11.00
C ARG A 68 -16.09 -11.71 -9.71
N LEU A 69 -15.25 -11.15 -8.82
CA LEU A 69 -15.73 -10.50 -7.60
C LEU A 69 -16.11 -9.08 -7.94
N GLU A 70 -16.97 -8.46 -7.12
CA GLU A 70 -17.36 -7.07 -7.34
C GLU A 70 -17.11 -6.30 -6.04
N VAL A 71 -16.15 -5.37 -6.10
CA VAL A 71 -15.83 -4.49 -4.97
C VAL A 71 -16.98 -3.53 -4.73
N VAL A 72 -17.27 -3.25 -3.47
CA VAL A 72 -18.24 -2.22 -3.12
C VAL A 72 -17.47 -1.06 -2.51
N ALA A 73 -17.54 0.08 -3.17
CA ALA A 73 -16.70 1.20 -2.83
C ALA A 73 -17.15 1.82 -1.53
N THR A 74 -16.28 2.59 -0.92
CA THR A 74 -16.65 3.43 0.21
C THR A 74 -17.65 4.47 -0.25
N LYS A 75 -18.10 5.27 0.71
CA LYS A 75 -18.92 6.46 0.52
C LYS A 75 -18.25 7.41 -0.47
N THR A 76 -16.90 7.47 -0.46
CA THR A 76 -16.16 8.40 -1.32
C THR A 76 -15.64 7.68 -2.55
N GLY A 77 -16.08 6.46 -2.80
CA GLY A 77 -15.77 5.83 -4.06
C GLY A 77 -14.45 5.06 -4.05
N ALA A 78 -13.75 5.05 -2.90
CA ALA A 78 -12.53 4.24 -2.74
C ALA A 78 -12.82 2.74 -2.70
N TYR A 79 -11.89 1.89 -3.17
CA TYR A 79 -12.07 0.44 -3.18
C TYR A 79 -11.61 -0.19 -1.86
N ALA A 80 -10.87 0.60 -1.06
CA ALA A 80 -10.41 0.16 0.25
C ALA A 80 -10.52 1.29 1.26
N LYS A 81 -10.80 0.86 2.48
CA LYS A 81 -10.97 1.76 3.61
C LYS A 81 -9.91 1.43 4.64
N LYS A 82 -9.29 2.48 5.17
CA LYS A 82 -8.19 2.31 6.09
C LYS A 82 -8.69 1.68 7.39
N GLY A 83 -7.84 0.88 8.02
CA GLY A 83 -8.21 0.17 9.22
C GLY A 83 -7.50 0.75 10.44
N ALA A 84 -7.61 -0.01 11.54
CA ALA A 84 -7.16 0.48 12.83
C ALA A 84 -5.63 0.70 12.83
N ALA A 85 -4.86 -0.10 12.08
CA ALA A 85 -3.41 -0.03 12.17
C ALA A 85 -2.85 1.32 11.67
N LEU A 86 -3.64 2.00 10.82
CA LEU A 86 -3.20 3.21 10.17
C LEU A 86 -3.86 4.41 10.84
N GLU A 87 -4.54 4.19 11.96
CA GLU A 87 -5.26 5.25 12.61
C GLU A 87 -4.30 6.36 13.02
N ASP A 88 -3.06 6.05 13.37
CA ASP A 88 -2.11 7.10 13.76
C ASP A 88 -1.18 7.53 12.61
N SER A 89 -1.27 6.87 11.46
CA SER A 89 -0.64 7.35 10.23
C SER A 89 -1.56 8.40 9.60
N SER A 90 -1.20 9.69 9.57
CA SER A 90 -2.15 10.71 9.12
C SER A 90 -2.30 10.77 7.60
N LEU A 91 -1.42 10.13 6.84
CA LEU A 91 -1.63 10.08 5.40
C LEU A 91 -1.99 8.67 5.01
N ALA A 92 -3.12 8.53 4.32
CA ALA A 92 -3.44 7.23 3.78
C ALA A 92 -4.27 7.37 2.51
N LYS A 93 -4.01 6.49 1.55
CA LYS A 93 -4.74 6.62 0.31
C LYS A 93 -4.88 5.29 -0.38
N ALA A 94 -6.09 5.06 -0.85
CA ALA A 94 -6.40 3.92 -1.66
C ALA A 94 -6.81 4.41 -3.04
N GLU A 95 -5.96 4.11 -4.03
CA GLU A 95 -6.22 4.48 -5.41
C GLU A 95 -6.69 3.24 -6.16
N ASN A 96 -7.82 3.37 -6.83
CA ASN A 96 -8.52 2.27 -7.47
C ASN A 96 -7.67 1.77 -8.62
N ASN A 97 -7.76 0.49 -8.99
CA ASN A 97 -6.79 -0.03 -9.94
C ASN A 97 -7.31 -1.22 -10.72
N GLY A 98 -8.57 -1.13 -11.11
CA GLY A 98 -9.18 -2.17 -11.90
C GLY A 98 -9.78 -3.22 -10.98
N ASN A 99 -9.25 -4.45 -11.10
CA ASN A 99 -9.69 -5.57 -10.28
C ASN A 99 -8.74 -5.63 -9.12
N GLY A 100 -8.55 -4.45 -8.50
CA GLY A 100 -7.53 -4.25 -7.49
C GLY A 100 -7.50 -2.81 -7.00
N VAL A 101 -6.61 -2.56 -6.06
CA VAL A 101 -6.47 -1.24 -5.48
C VAL A 101 -5.03 -1.14 -5.04
N PHE A 102 -4.55 0.10 -4.97
CA PHE A 102 -3.22 0.35 -4.46
C PHE A 102 -3.38 1.09 -3.15
N VAL A 103 -2.67 0.70 -2.08
CA VAL A 103 -2.91 1.35 -0.81
C VAL A 103 -1.60 1.87 -0.23
N ALA A 104 -1.59 3.09 0.30
CA ALA A 104 -0.34 3.70 0.73
C ALA A 104 -0.52 4.53 1.99
N SER A 105 0.53 4.57 2.80
CA SER A 105 0.52 5.08 4.16
C SER A 105 1.67 6.06 4.22
N GLY A 106 1.53 7.03 5.13
CA GLY A 106 2.66 7.82 5.60
C GLY A 106 2.36 8.38 6.98
N ALA A 107 3.40 8.59 7.81
CA ALA A 107 3.17 9.12 9.14
C ALA A 107 4.33 10.00 9.59
N ASP A 108 4.11 10.86 10.59
CA ASP A 108 5.14 11.82 11.00
C ASP A 108 6.18 11.20 11.94
N ASP A 109 5.92 9.95 12.37
CA ASP A 109 6.89 9.12 13.08
C ASP A 109 6.54 7.66 12.79
N ASP A 110 7.19 6.70 13.46
CA ASP A 110 6.87 5.32 13.18
C ASP A 110 5.59 4.97 13.94
N PHE A 111 4.43 5.36 13.41
CA PHE A 111 3.20 5.16 14.16
C PHE A 111 2.39 4.05 13.50
N GLY A 112 3.03 3.37 12.54
CA GLY A 112 2.44 2.16 12.00
C GLY A 112 2.15 1.19 13.14
N ALA A 113 0.99 0.53 13.09
CA ALA A 113 0.62 -0.42 14.15
C ALA A 113 0.38 -1.81 13.55
N ASP A 114 0.32 -2.80 14.44
CA ASP A 114 -0.22 -4.09 14.07
C ASP A 114 -1.73 -3.94 13.97
N GLY A 115 -2.35 -4.78 13.17
CA GLY A 115 -3.79 -4.76 13.09
C GLY A 115 -4.21 -4.65 11.65
N VAL A 116 -5.47 -4.29 11.46
CA VAL A 116 -5.99 -4.15 10.12
C VAL A 116 -5.46 -2.85 9.53
N MET A 117 -4.70 -2.99 8.43
CA MET A 117 -4.17 -1.87 7.69
C MET A 117 -5.29 -1.31 6.82
N TRP A 118 -5.92 -2.22 6.06
CA TRP A 118 -6.88 -1.90 5.01
C TRP A 118 -8.02 -2.90 5.00
N THR A 119 -9.23 -2.41 4.72
CA THR A 119 -10.39 -3.26 4.55
C THR A 119 -10.89 -3.15 3.11
N VAL A 120 -11.27 -4.26 2.49
CA VAL A 120 -11.85 -4.23 1.16
C VAL A 120 -13.13 -5.03 1.17
N GLU A 121 -14.26 -4.41 0.80
CA GLU A 121 -15.54 -5.10 0.77
C GLU A 121 -15.68 -5.76 -0.59
N LEU A 122 -15.68 -7.10 -0.66
CA LEU A 122 -15.90 -7.80 -1.92
C LEU A 122 -17.18 -8.62 -1.86
N LYS A 123 -17.76 -8.86 -3.05
CA LYS A 123 -19.06 -9.50 -3.19
C LYS A 123 -18.97 -10.62 -4.22
N VAL A 124 -19.67 -11.73 -3.94
CA VAL A 124 -19.63 -12.92 -4.76
C VAL A 124 -20.69 -12.86 -5.87
N PRO A 125 -20.42 -13.38 -7.09
CA PRO A 125 -21.47 -13.57 -8.09
C PRO A 125 -22.68 -14.36 -7.56
N ALA A 126 -23.84 -14.17 -8.19
CA ALA A 126 -24.95 -15.07 -7.94
C ALA A 126 -24.69 -16.39 -8.65
N ASP A 127 -23.87 -16.35 -9.72
CA ASP A 127 -23.44 -17.55 -10.45
C ASP A 127 -22.26 -18.16 -9.70
N ALA A 128 -22.54 -18.57 -8.48
CA ALA A 128 -21.52 -18.80 -7.48
C ALA A 128 -20.77 -20.09 -7.78
N LYS A 129 -21.52 -21.21 -7.86
CA LYS A 129 -21.01 -22.54 -8.18
C LYS A 129 -20.35 -23.18 -6.95
N ALA A 130 -20.06 -24.48 -7.05
CA ALA A 130 -19.35 -25.20 -6.00
C ALA A 130 -17.87 -25.18 -6.34
N GLY A 131 -17.04 -25.38 -5.31
CA GLY A 131 -15.60 -25.41 -5.48
C GLY A 131 -15.03 -24.13 -6.06
N ASP A 132 -15.82 -23.06 -6.18
CA ASP A 132 -15.25 -21.87 -6.78
C ASP A 132 -14.29 -21.25 -5.75
N VAL A 133 -13.26 -20.59 -6.28
CA VAL A 133 -12.19 -19.98 -5.51
C VAL A 133 -11.86 -18.62 -6.11
N TYR A 134 -12.02 -17.59 -5.28
CA TYR A 134 -11.84 -16.22 -5.72
C TYR A 134 -10.57 -15.74 -5.02
N PRO A 135 -9.40 -15.78 -5.68
CA PRO A 135 -8.16 -15.40 -5.03
C PRO A 135 -8.06 -13.91 -4.76
N ILE A 136 -7.38 -13.57 -3.69
CA ILE A 136 -7.09 -12.18 -3.40
C ILE A 136 -5.59 -12.06 -3.19
N ASP A 137 -4.92 -11.25 -4.01
CA ASP A 137 -3.48 -11.14 -4.05
C ASP A 137 -3.01 -9.84 -3.36
N VAL A 138 -1.91 -9.92 -2.60
CA VAL A 138 -1.09 -8.76 -2.31
C VAL A 138 0.22 -8.89 -3.04
N ALA A 139 0.64 -7.83 -3.75
CA ALA A 139 1.70 -7.95 -4.74
C ALA A 139 2.65 -6.78 -4.72
N TYR A 140 3.94 -7.08 -4.99
CA TYR A 140 5.00 -6.09 -5.07
C TYR A 140 5.19 -5.71 -6.53
N GLN A 141 5.36 -4.40 -6.73
CA GLN A 141 5.53 -3.87 -8.06
C GLN A 141 6.54 -2.75 -8.02
N TRP A 142 7.43 -2.82 -9.02
CA TRP A 142 8.47 -1.82 -9.16
C TRP A 142 8.66 -1.44 -10.61
N ASP A 143 9.04 -0.17 -10.77
CA ASP A 143 9.74 0.29 -11.94
C ASP A 143 10.66 1.47 -11.61
N PRO A 144 11.36 1.97 -12.66
CA PRO A 144 12.38 3.00 -12.45
C PRO A 144 11.85 4.34 -11.92
N SER A 145 10.54 4.58 -12.07
CA SER A 145 9.94 5.85 -11.71
C SER A 145 9.50 5.82 -10.25
N LYS A 146 9.15 4.61 -9.77
CA LYS A 146 8.76 4.36 -8.38
C LYS A 146 8.52 2.88 -8.09
N GLY A 147 8.49 2.49 -6.80
CA GLY A 147 8.30 1.10 -6.44
C GLY A 147 7.44 1.01 -5.21
N ASP A 148 7.01 -0.19 -4.86
CA ASP A 148 6.21 -0.34 -3.65
C ASP A 148 7.11 -0.22 -2.44
N LEU A 149 6.50 0.00 -1.29
CA LEU A 149 7.23 0.36 -0.08
C LEU A 149 6.67 -0.35 1.15
N PHE A 150 7.53 -0.54 2.16
CA PHE A 150 7.12 -0.86 3.51
C PHE A 150 8.29 -0.50 4.41
N THR A 151 8.49 0.80 4.71
CA THR A 151 9.67 1.23 5.47
C THR A 151 9.28 2.14 6.64
N ASP A 152 10.30 2.48 7.43
CA ASP A 152 10.15 3.33 8.60
C ASP A 152 10.30 4.80 8.22
N ASN A 153 10.05 5.68 9.19
CA ASN A 153 9.95 7.11 8.98
C ASN A 153 11.19 7.68 8.32
N LYS A 154 12.31 6.97 8.31
CA LYS A 154 13.56 7.58 7.89
C LYS A 154 14.28 6.68 6.91
N ASP A 155 13.54 5.69 6.39
CA ASP A 155 14.05 4.69 5.48
C ASP A 155 15.47 4.31 5.89
N SER A 156 15.63 3.86 7.15
CA SER A 156 16.91 3.40 7.68
C SER A 156 17.32 2.06 7.06
N ALA A 157 18.56 1.67 7.36
CA ALA A 157 19.07 0.36 6.96
C ALA A 157 18.06 -0.68 7.43
N GLN A 158 17.63 -0.44 8.68
CA GLN A 158 16.63 -1.25 9.36
C GLN A 158 15.31 -1.27 8.57
N GLY A 159 14.79 -0.08 8.30
CA GLY A 159 13.71 0.14 7.37
C GLY A 159 13.84 -0.70 6.10
N LYS A 160 14.99 -0.69 5.41
CA LYS A 160 14.99 -1.37 4.12
C LYS A 160 15.02 -2.88 4.33
N LEU A 161 15.67 -3.35 5.39
CA LEU A 161 15.62 -4.76 5.69
C LEU A 161 14.18 -5.18 5.97
N MET A 162 13.46 -4.33 6.70
CA MET A 162 12.05 -4.56 7.02
C MET A 162 11.23 -4.72 5.75
N GLN A 163 11.47 -3.79 4.81
CA GLN A 163 10.77 -3.75 3.55
C GLN A 163 11.05 -5.03 2.76
N ALA A 164 12.31 -5.48 2.79
CA ALA A 164 12.68 -6.65 2.02
C ALA A 164 11.97 -7.86 2.57
N TYR A 165 11.90 -7.93 3.90
CA TYR A 165 11.14 -9.01 4.54
C TYR A 165 9.69 -8.95 4.04
N PHE A 166 9.05 -7.79 4.28
CA PHE A 166 7.66 -7.64 3.97
C PHE A 166 7.34 -8.29 2.63
N PHE A 167 8.11 -7.97 1.59
CA PHE A 167 7.70 -8.36 0.26
C PHE A 167 8.14 -9.79 -0.10
N THR A 168 9.25 -10.27 0.49
CA THR A 168 9.89 -11.50 0.04
C THR A 168 9.41 -12.66 0.89
N GLN A 169 8.90 -12.33 2.09
CA GLN A 169 8.61 -13.31 3.13
C GLN A 169 7.36 -12.97 3.94
N GLY A 170 7.02 -11.69 4.09
CA GLY A 170 5.84 -11.27 4.83
C GLY A 170 4.54 -11.53 4.08
N ILE A 171 4.63 -11.63 2.75
CA ILE A 171 3.48 -11.92 1.90
C ILE A 171 3.87 -13.06 0.98
N LYS A 172 2.92 -13.53 0.20
CA LYS A 172 3.18 -14.63 -0.69
C LYS A 172 3.31 -14.10 -2.11
N SER A 173 4.18 -14.74 -2.88
CA SER A 173 4.38 -14.36 -4.26
C SER A 173 4.71 -15.64 -5.02
N SER A 174 4.97 -15.54 -6.32
CA SER A 174 5.44 -16.68 -7.10
C SER A 174 6.67 -17.33 -6.45
N SER A 175 7.50 -16.52 -5.79
CA SER A 175 8.72 -17.01 -5.18
C SER A 175 8.59 -17.14 -3.66
N ASN A 176 7.37 -16.98 -3.10
CA ASN A 176 7.08 -17.46 -1.75
C ASN A 176 5.65 -17.95 -1.77
N PRO A 177 5.34 -19.00 -2.55
CA PRO A 177 3.96 -19.38 -2.83
C PRO A 177 3.20 -19.91 -1.62
N SER A 178 1.88 -19.69 -1.56
CA SER A 178 1.06 -20.38 -0.59
C SER A 178 0.99 -21.86 -0.96
N THR A 179 0.66 -22.68 0.04
CA THR A 179 0.33 -24.06 -0.25
C THR A 179 -1.13 -24.32 0.15
N ASP A 180 -1.93 -23.24 0.27
CA ASP A 180 -3.33 -23.31 0.69
C ASP A 180 -4.12 -24.17 -0.31
N GLU A 181 -4.89 -25.13 0.18
CA GLU A 181 -5.52 -26.09 -0.73
C GLU A 181 -6.41 -25.35 -1.74
N TYR A 182 -6.90 -24.16 -1.34
CA TYR A 182 -7.74 -23.34 -2.20
C TYR A 182 -6.88 -22.63 -3.26
N LEU A 183 -5.79 -21.99 -2.85
CA LEU A 183 -4.96 -21.28 -3.81
C LEU A 183 -4.26 -22.25 -4.76
N VAL A 184 -4.09 -23.50 -4.33
CA VAL A 184 -3.57 -24.50 -5.26
C VAL A 184 -4.65 -24.83 -6.28
N LYS A 185 -5.85 -25.20 -5.81
CA LYS A 185 -6.94 -25.60 -6.68
C LYS A 185 -7.19 -24.50 -7.70
N ALA A 186 -6.58 -23.31 -7.52
CA ALA A 186 -6.79 -22.16 -8.38
C ALA A 186 -5.50 -21.63 -9.04
N ASN A 187 -4.41 -22.40 -9.10
CA ASN A 187 -3.13 -21.91 -9.60
C ASN A 187 -2.91 -20.43 -9.34
N ALA A 188 -3.18 -20.04 -8.10
CA ALA A 188 -2.99 -18.69 -7.63
C ALA A 188 -2.19 -18.76 -6.32
N THR A 189 -1.14 -19.60 -6.35
CA THR A 189 -0.25 -19.77 -5.21
C THR A 189 0.51 -18.47 -4.91
N TYR A 190 0.56 -17.52 -5.85
CA TYR A 190 1.16 -16.21 -5.62
C TYR A 190 0.22 -15.34 -4.79
N ALA A 191 -1.08 -15.66 -4.83
CA ALA A 191 -2.09 -14.95 -4.06
C ALA A 191 -1.89 -15.14 -2.55
N ASP A 192 -2.74 -14.53 -1.73
CA ASP A 192 -2.50 -14.43 -0.30
C ASP A 192 -3.71 -14.78 0.56
N GLY A 193 -4.89 -14.41 0.07
CA GLY A 193 -6.16 -14.77 0.68
C GLY A 193 -7.16 -15.14 -0.40
N TYR A 194 -8.39 -15.44 0.00
CA TYR A 194 -9.39 -15.86 -0.96
C TYR A 194 -10.78 -15.78 -0.34
N ILE A 195 -11.77 -15.83 -1.22
CA ILE A 195 -13.09 -16.33 -0.87
C ILE A 195 -13.27 -17.64 -1.62
N ALA A 196 -13.78 -18.67 -0.91
CA ALA A 196 -13.90 -20.01 -1.48
C ALA A 196 -15.20 -20.69 -1.06
N ILE A 197 -15.53 -21.74 -1.85
CA ILE A 197 -16.62 -22.69 -1.65
C ILE A 197 -16.11 -24.09 -1.96
N LYS A 198 -16.80 -25.13 -1.45
CA LYS A 198 -16.31 -26.50 -1.48
C LYS A 198 -17.17 -27.37 -2.41
N ALA A 199 -16.66 -28.57 -2.75
CA ALA A 199 -17.35 -29.53 -3.61
C ALA A 199 -18.35 -30.34 -2.77
N GLY A 200 -19.09 -31.28 -3.40
CA GLY A 200 -20.28 -31.89 -2.80
C GLY A 200 -20.08 -33.36 -2.40
N ASP B 27 16.35 19.03 -9.02
CA ASP B 27 16.39 18.37 -10.36
C ASP B 27 15.00 17.81 -10.76
N LEU B 28 14.28 17.12 -9.88
CA LEU B 28 12.98 16.56 -10.21
C LEU B 28 11.92 17.13 -9.27
N PHE B 29 10.96 17.88 -9.86
CA PHE B 29 9.89 18.48 -9.09
C PHE B 29 9.14 17.38 -8.40
N GLY B 30 9.09 17.43 -7.07
CA GLY B 30 8.34 16.44 -6.30
C GLY B 30 9.24 15.57 -5.44
N ASP B 31 10.50 15.47 -5.82
CA ASP B 31 11.47 14.56 -5.23
C ASP B 31 12.20 15.24 -4.09
N ILE B 32 11.53 15.33 -2.96
CA ILE B 32 12.01 16.09 -1.83
C ILE B 32 13.35 15.57 -1.35
N ASN B 33 13.45 14.23 -1.25
CA ASN B 33 14.61 13.56 -0.69
C ASN B 33 15.68 13.42 -1.78
N GLY B 34 15.31 13.58 -3.05
CA GLY B 34 16.30 13.75 -4.09
C GLY B 34 16.98 12.42 -4.43
N ASP B 35 16.17 11.41 -4.71
CA ASP B 35 16.68 10.12 -5.14
C ASP B 35 16.18 9.78 -6.54
N GLY B 36 15.74 10.77 -7.33
CA GLY B 36 15.35 10.60 -8.73
C GLY B 36 13.93 10.10 -8.91
N ILE B 37 13.21 10.06 -7.79
CA ILE B 37 12.10 9.15 -7.58
C ILE B 37 11.05 9.92 -6.79
N ILE B 38 9.81 9.90 -7.28
CA ILE B 38 8.71 10.45 -6.49
C ILE B 38 7.87 9.29 -6.00
N ASP B 39 7.83 9.12 -4.68
CA ASP B 39 7.06 8.06 -4.10
C ASP B 39 6.68 8.47 -2.68
N GLY B 40 6.09 7.55 -1.94
CA GLY B 40 5.56 7.86 -0.63
C GLY B 40 6.62 8.34 0.37
N ARG B 41 7.90 8.10 0.11
CA ARG B 41 8.90 8.49 1.09
C ARG B 41 8.97 10.01 1.17
N ASP B 42 8.81 10.67 0.01
CA ASP B 42 8.85 12.12 -0.12
C ASP B 42 7.70 12.74 0.67
N ALA B 43 6.52 12.13 0.55
CA ALA B 43 5.38 12.52 1.38
C ALA B 43 5.76 12.53 2.86
N THR B 44 6.24 11.39 3.37
CA THR B 44 6.53 11.23 4.79
C THR B 44 7.56 12.27 5.25
N VAL B 45 8.42 12.72 4.33
CA VAL B 45 9.46 13.69 4.64
C VAL B 45 8.80 15.02 4.96
N LEU B 46 7.96 15.47 4.03
CA LEU B 46 7.21 16.69 4.21
C LEU B 46 6.34 16.54 5.46
N LEU B 47 5.69 15.40 5.60
CA LEU B 47 4.72 15.31 6.68
C LEU B 47 5.44 15.46 8.02
N THR B 48 6.67 14.91 8.10
CA THR B 48 7.42 14.97 9.34
C THR B 48 8.00 16.37 9.48
N TYR B 49 8.44 16.95 8.35
CA TYR B 49 8.96 18.31 8.38
C TYR B 49 7.91 19.18 9.07
N TYR B 50 6.65 19.04 8.65
CA TYR B 50 5.57 19.87 9.17
C TYR B 50 5.35 19.61 10.65
N ALA B 51 5.53 18.37 11.11
CA ALA B 51 5.23 18.07 12.50
C ALA B 51 6.26 18.75 13.42
N LYS B 52 7.47 18.98 12.86
CA LYS B 52 8.57 19.71 13.50
C LYS B 52 8.31 21.22 13.54
N THR B 53 8.06 21.82 12.34
CA THR B 53 7.88 23.27 12.23
C THR B 53 6.69 23.66 13.11
N SER B 54 5.53 23.07 12.81
CA SER B 54 4.34 23.04 13.67
C SER B 54 4.60 23.25 15.16
N THR B 55 5.69 22.67 15.70
CA THR B 55 5.99 22.65 17.14
C THR B 55 7.21 23.52 17.51
N GLY B 56 8.03 23.94 16.51
CA GLY B 56 8.93 25.07 16.65
C GLY B 56 10.31 24.80 16.06
N TYR B 57 10.35 24.30 14.83
CA TYR B 57 11.62 24.08 14.14
C TYR B 57 11.87 25.27 13.21
N LYS B 58 13.13 25.67 13.11
CA LYS B 58 13.49 26.91 12.46
C LYS B 58 14.24 26.62 11.15
N GLY B 59 14.61 25.39 10.88
CA GLY B 59 15.50 25.11 9.76
C GLY B 59 14.74 24.99 8.45
N SER B 60 15.44 25.10 7.32
CA SER B 60 14.83 24.86 6.03
C SER B 60 14.48 23.38 5.94
N LEU B 61 13.72 23.01 4.91
CA LEU B 61 13.45 21.60 4.65
C LEU B 61 14.75 20.90 4.28
N MET B 62 15.63 21.60 3.53
CA MET B 62 16.87 21.01 3.06
C MET B 62 17.81 20.73 4.24
N LYS B 63 17.87 21.68 5.18
CA LYS B 63 18.64 21.57 6.41
C LYS B 63 18.16 20.40 7.26
N PHE B 64 16.85 20.37 7.52
CA PHE B 64 16.22 19.30 8.29
C PHE B 64 16.52 17.91 7.73
N MET B 65 16.38 17.78 6.40
CA MET B 65 16.54 16.50 5.73
C MET B 65 17.96 15.95 5.89
N GLU B 66 18.92 16.81 5.49
CA GLU B 66 20.34 16.51 5.54
C GLU B 66 20.78 16.19 6.98
N GLU B 67 20.26 16.89 8.03
CA GLU B 67 20.59 16.59 9.43
C GLU B 67 19.92 15.29 9.93
N GLN B 68 19.66 14.33 9.01
CA GLN B 68 19.19 12.99 9.34
C GLN B 68 19.92 11.99 8.40
N ASP C 27 9.31 29.74 -5.13
CA ASP C 27 10.53 29.84 -4.28
C ASP C 27 10.62 28.66 -3.32
N LEU C 28 9.54 28.29 -2.60
CA LEU C 28 9.75 27.46 -1.41
C LEU C 28 9.88 25.99 -1.81
N PHE C 29 11.11 25.47 -1.64
CA PHE C 29 11.35 24.07 -1.89
C PHE C 29 10.43 23.27 -0.97
N GLY C 30 9.61 22.42 -1.58
CA GLY C 30 8.70 21.56 -0.85
C GLY C 30 7.29 22.13 -0.70
N ASP C 31 6.93 23.16 -1.48
CA ASP C 31 5.58 23.71 -1.45
C ASP C 31 4.85 23.29 -2.72
N ILE C 32 4.37 22.06 -2.76
CA ILE C 32 4.03 21.42 -4.01
C ILE C 32 2.75 22.04 -4.61
N ASN C 33 1.84 22.50 -3.74
CA ASN C 33 0.56 23.07 -4.11
C ASN C 33 0.75 24.56 -4.42
N GLY C 34 1.93 25.08 -4.05
CA GLY C 34 2.29 26.45 -4.32
C GLY C 34 1.33 27.41 -3.63
N ASP C 35 1.19 27.24 -2.32
CA ASP C 35 0.27 28.02 -1.54
C ASP C 35 1.06 28.81 -0.50
N GLY C 36 2.38 28.87 -0.68
CA GLY C 36 3.25 29.70 0.15
C GLY C 36 3.84 28.95 1.34
N ILE C 37 3.22 27.86 1.80
CA ILE C 37 3.68 27.23 3.02
C ILE C 37 3.79 25.75 2.78
N ILE C 38 4.48 25.10 3.70
CA ILE C 38 4.76 23.68 3.62
C ILE C 38 3.99 23.03 4.74
N ASP C 39 3.09 22.07 4.40
CA ASP C 39 2.26 21.40 5.40
C ASP C 39 1.66 20.10 4.88
N GLY C 40 0.72 19.59 5.68
CA GLY C 40 0.03 18.35 5.44
C GLY C 40 -0.35 18.18 3.98
N ARG C 41 -0.77 19.27 3.34
CA ARG C 41 -1.48 19.19 2.07
C ARG C 41 -0.54 18.82 0.94
N ASP C 42 0.68 19.35 1.07
CA ASP C 42 1.80 19.12 0.17
C ASP C 42 2.14 17.64 0.22
N ALA C 43 2.28 17.12 1.43
CA ALA C 43 2.53 15.70 1.57
C ALA C 43 1.40 14.86 0.94
N THR C 44 0.16 15.33 1.07
CA THR C 44 -0.95 14.57 0.53
C THR C 44 -0.84 14.51 -0.99
N VAL C 45 -0.35 15.59 -1.57
CA VAL C 45 -0.30 15.65 -3.01
C VAL C 45 0.66 14.59 -3.50
N LEU C 46 1.78 14.48 -2.78
CA LEU C 46 2.82 13.59 -3.22
C LEU C 46 2.41 12.14 -3.05
N LEU C 47 1.67 11.84 -1.98
CA LEU C 47 1.23 10.47 -1.81
C LEU C 47 0.14 10.13 -2.82
N THR C 48 -0.82 11.05 -3.01
CA THR C 48 -1.90 10.77 -3.95
C THR C 48 -1.29 10.64 -5.35
N TYR C 49 -0.18 11.35 -5.62
CA TYR C 49 0.46 11.29 -6.94
C TYR C 49 1.08 9.90 -7.14
N TYR C 50 1.81 9.47 -6.09
CA TYR C 50 2.47 8.19 -6.01
C TYR C 50 1.46 7.08 -6.22
N ALA C 51 0.27 7.29 -5.67
CA ALA C 51 -0.76 6.28 -5.72
C ALA C 51 -1.26 6.13 -7.16
N LYS C 52 -1.35 7.26 -7.86
CA LYS C 52 -1.81 7.24 -9.23
C LYS C 52 -0.77 6.58 -10.14
N THR C 53 0.48 7.09 -10.10
CA THR C 53 1.53 6.50 -10.91
C THR C 53 1.55 4.99 -10.64
N SER C 54 1.35 4.58 -9.38
CA SER C 54 1.37 3.19 -9.01
C SER C 54 0.20 2.40 -9.60
N THR C 55 -0.76 3.08 -10.25
CA THR C 55 -1.89 2.40 -10.87
C THR C 55 -1.94 2.61 -12.37
N GLY C 56 -0.86 3.14 -12.96
CA GLY C 56 -0.76 3.16 -14.41
C GLY C 56 -0.78 4.58 -14.99
N TYR C 57 -0.90 5.60 -14.12
CA TYR C 57 -1.06 6.97 -14.56
C TYR C 57 0.28 7.51 -15.07
N LYS C 58 0.33 7.73 -16.38
CA LYS C 58 1.40 8.45 -17.06
C LYS C 58 1.09 9.91 -16.83
N GLY C 59 2.09 10.76 -16.84
CA GLY C 59 1.77 12.18 -16.71
C GLY C 59 2.20 12.67 -15.36
N SER C 60 2.67 13.90 -15.35
CA SER C 60 3.57 14.40 -14.35
C SER C 60 2.79 14.89 -13.15
N LEU C 61 3.53 15.27 -12.11
CA LEU C 61 3.00 15.92 -10.93
C LEU C 61 2.22 17.19 -11.27
N MET C 62 2.78 18.12 -12.06
CA MET C 62 2.04 19.32 -12.40
C MET C 62 0.76 18.96 -13.13
N LYS C 63 0.84 18.02 -14.09
CA LYS C 63 -0.34 17.63 -14.85
C LYS C 63 -1.42 17.08 -13.92
N PHE C 64 -1.01 16.23 -12.98
CA PHE C 64 -1.92 15.68 -11.98
C PHE C 64 -2.51 16.81 -11.15
N MET C 65 -1.69 17.70 -10.61
CA MET C 65 -2.22 18.75 -9.75
C MET C 65 -3.24 19.60 -10.48
N GLU C 66 -3.18 19.61 -11.81
CA GLU C 66 -4.08 20.43 -12.59
C GLU C 66 -5.40 19.69 -12.74
N GLU C 67 -5.31 18.44 -13.17
CA GLU C 67 -6.47 17.57 -13.35
C GLU C 67 -7.30 17.43 -12.06
N GLN C 68 -6.65 17.48 -10.88
CA GLN C 68 -7.31 17.32 -9.59
C GLN C 68 -7.57 18.68 -8.95
N ASN C 69 -7.30 19.79 -9.64
CA ASN C 69 -7.74 21.11 -9.20
C ASN C 69 -7.05 21.54 -7.91
N ILE C 70 -5.83 21.08 -7.68
CA ILE C 70 -5.01 21.50 -6.55
C ILE C 70 -4.29 22.80 -6.91
N ILE C 71 -4.23 23.09 -8.22
CA ILE C 71 -3.81 24.35 -8.81
C ILE C 71 -4.53 24.49 -10.17
CA CA D . 1.01 -12.20 -3.65
CA CA E . 12.26 10.95 -3.76
CA CA F . 1.73 24.15 0.73
#